data_4RWV
#
_entry.id   4RWV
#
_cell.length_a   71.616
_cell.length_b   50.187
_cell.length_c   93.608
_cell.angle_alpha   90.000
_cell.angle_beta   109.220
_cell.angle_gamma   90.000
#
_symmetry.space_group_name_H-M   'C 1 2 1'
#
loop_
_entity.id
_entity.type
_entity.pdbx_description
1 polymer 'Nuclear receptor subfamily 5 group A member 2'
2 polymer 'Nuclear receptor DAX1'
3 non-polymer '(2S)-3-{[(R)-{[(1S,2S,3R,4S,5S,6S)-2,6-dihydroxy-3,4,5-tris(phosphonooxy)cyclohexyl]oxy}(hydroxy)phosphoryl]oxy}propane -1,2-diyl dihexadecanoate'
4 non-polymer 1,2-ETHANEDIOL
5 non-polymer 2-AMINO-2-HYDROXYMETHYL-PROPANE-1,3-DIOL
6 water water
#
loop_
_entity_poly.entity_id
_entity_poly.type
_entity_poly.pdbx_seq_one_letter_code
_entity_poly.pdbx_strand_id
1 'polypeptide(L)'
;SQTSSPASIPHLILELLK(CSO)EPDEPQVQAKIMAYLQQEQANRSKHEKLSTFGLMCKMADQTLFSIVEWARSSIFFRE
LKVDDQMKLLQNCWSELLILDHIYRQVVHGKEGSIFLVTGQQVDYSIIASQAGATLNNLMSHAQELVAKLRSLQFDQREF
VCLKFLVLFSLDVKNLENFQLVEGVQEQVNAALLDYTMCNYPQQTEKFGQLLLRLPEIRAISMQAEEYLYYKHLNGDVPY
NNLLIEMLHAKRA
;
A
2 'polypeptide(L)' PRQGSILYSLLTSSK B
#
loop_
_chem_comp.id
_chem_comp.type
_chem_comp.name
_chem_comp.formula
EDO non-polymer 1,2-ETHANEDIOL 'C2 H6 O2'
PIZ non-polymer '(2S)-3-{[(R)-{[(1S,2S,3R,4S,5S,6S)-2,6-dihydroxy-3,4,5-tris(phosphonooxy)cyclohexyl]oxy}(hydroxy)phosphoryl]oxy}propane -1,2-diyl dihexadecanoate' 'C41 H82 O22 P4'
TRS non-polymer 2-AMINO-2-HYDROXYMETHYL-PROPANE-1,3-DIOL 'C4 H12 N O3 1'
#
# COMPACT_ATOMS: atom_id res chain seq x y z
N SER A 5 -4.31 21.02 7.69
CA SER A 5 -5.34 20.97 6.67
C SER A 5 -5.63 22.35 6.09
N PRO A 6 -5.66 22.48 4.76
CA PRO A 6 -5.99 23.75 4.13
C PRO A 6 -7.43 24.16 4.37
N ALA A 7 -7.71 25.44 4.19
CA ALA A 7 -9.07 25.95 4.36
C ALA A 7 -10.05 25.28 3.40
N SER A 8 -9.57 24.86 2.23
CA SER A 8 -10.43 24.40 1.15
C SER A 8 -10.21 22.96 0.67
N ILE A 9 -11.09 22.06 1.09
CA ILE A 9 -11.05 20.66 0.69
C ILE A 9 -12.41 20.22 0.19
N PRO A 10 -12.46 19.67 -1.04
CA PRO A 10 -13.69 19.13 -1.64
C PRO A 10 -14.42 18.18 -0.71
N HIS A 11 -15.75 18.24 -0.71
CA HIS A 11 -16.56 17.36 0.13
C HIS A 11 -16.23 15.87 -0.01
N LEU A 12 -16.07 15.39 -1.24
CA LEU A 12 -15.74 13.99 -1.46
C LEU A 12 -14.43 13.62 -0.74
N ILE A 13 -13.44 14.50 -0.81
CA ILE A 13 -12.15 14.19 -0.16
C ILE A 13 -12.30 14.19 1.37
N LEU A 14 -13.08 15.12 1.92
CA LEU A 14 -13.43 15.07 3.34
C LEU A 14 -13.99 13.70 3.75
N GLU A 15 -14.86 13.14 2.92
CA GLU A 15 -15.43 11.83 3.20
C GLU A 15 -14.39 10.71 3.12
N LEU A 16 -13.46 10.81 2.17
CA LEU A 16 -12.38 9.83 2.05
C LEU A 16 -11.47 9.90 3.27
N LEU A 17 -11.22 11.11 3.75
CA LEU A 17 -10.32 11.31 4.88
C LEU A 17 -10.87 10.74 6.19
N LYS A 18 -12.18 10.70 6.32
CA LYS A 18 -12.85 10.16 7.48
C LYS A 18 -12.57 8.70 7.64
N CSO A 19 -12.32 8.07 6.51
CA CSO A 19 -12.09 6.62 6.43
CB CSO A 19 -12.48 6.10 5.04
SG CSO A 19 -14.27 6.06 4.80
C CSO A 19 -10.65 6.22 6.73
O CSO A 19 -10.35 5.03 6.75
OD CSO A 19 -15.11 5.74 6.35
N GLU A 20 -9.76 7.18 6.95
CA GLU A 20 -8.35 6.88 7.14
C GLU A 20 -8.09 6.20 8.46
N PRO A 21 -7.03 5.38 8.51
CA PRO A 21 -6.72 4.68 9.77
C PRO A 21 -5.99 5.60 10.74
N ASP A 22 -6.00 5.22 12.01
CA ASP A 22 -5.28 5.95 13.04
C ASP A 22 -3.82 5.52 13.05
N GLU A 23 -2.96 6.33 12.43
CA GLU A 23 -1.53 6.01 12.32
C GLU A 23 -0.83 5.58 13.62
N PRO A 24 -0.98 6.31 14.71
CA PRO A 24 -0.28 5.90 15.94
C PRO A 24 -0.70 4.52 16.43
N GLN A 25 -1.98 4.18 16.25
CA GLN A 25 -2.50 2.89 16.66
C GLN A 25 -1.96 1.75 15.78
N VAL A 26 -1.93 1.95 14.48
CA VAL A 26 -1.38 0.94 13.57
C VAL A 26 0.08 0.66 13.90
N GLN A 27 0.82 1.69 14.21
CA GLN A 27 2.23 1.49 14.52
C GLN A 27 2.53 0.62 15.76
N ALA A 28 1.79 0.86 16.84
CA ALA A 28 1.94 0.08 18.05
C ALA A 28 1.60 -1.40 17.91
N LYS A 29 0.50 -1.65 17.25
CA LYS A 29 0.03 -2.99 17.16
C LYS A 29 1.12 -3.79 16.44
N ILE A 30 1.66 -3.23 15.35
CA ILE A 30 2.62 -3.94 14.53
C ILE A 30 3.91 -4.18 15.26
N MET A 31 4.36 -3.17 15.99
CA MET A 31 5.57 -3.35 16.73
C MET A 31 5.44 -4.50 17.75
N ALA A 32 4.29 -4.72 18.37
CA ALA A 32 4.16 -5.83 19.28
C ALA A 32 4.20 -7.27 18.72
N TYR A 33 3.50 -7.44 17.61
CA TYR A 33 3.41 -8.75 17.01
C TYR A 33 4.85 -9.16 16.69
N LEU A 34 5.58 -8.20 16.16
CA LEU A 34 6.87 -8.49 15.64
C LEU A 34 7.80 -8.97 16.74
N GLN A 35 7.77 -8.27 17.87
CA GLN A 35 8.66 -8.64 18.93
C GLN A 35 8.39 -10.02 19.39
N GLN A 36 7.11 -10.30 19.68
CA GLN A 36 6.87 -11.60 20.27
C GLN A 36 7.31 -12.69 19.34
N GLU A 37 7.16 -12.47 18.03
CA GLU A 37 7.50 -13.53 17.10
C GLU A 37 8.97 -13.89 17.20
N GLN A 38 9.86 -12.95 17.43
CA GLN A 38 11.28 -13.29 17.42
C GLN A 38 11.70 -13.99 18.72
N ALA A 39 11.01 -13.67 19.82
CA ALA A 39 11.31 -14.26 21.11
C ALA A 39 11.02 -15.76 21.12
N ASN A 40 11.69 -16.47 22.02
CA ASN A 40 11.52 -17.91 22.18
C ASN A 40 11.81 -18.73 20.92
N ARG A 41 12.93 -18.40 20.28
CA ARG A 41 13.43 -19.17 19.17
C ARG A 41 14.88 -19.54 19.44
N SER A 42 15.22 -20.81 19.24
CA SER A 42 16.60 -21.27 19.30
C SER A 42 17.44 -20.59 18.21
N LYS A 43 18.75 -20.78 18.26
CA LYS A 43 19.66 -20.17 17.28
C LYS A 43 19.24 -20.46 15.84
N HIS A 44 18.95 -21.72 15.56
CA HIS A 44 18.66 -22.14 14.19
C HIS A 44 17.17 -22.10 13.83
N GLU A 45 16.36 -21.48 14.69
CA GLU A 45 14.96 -21.21 14.34
C GLU A 45 14.63 -19.72 14.52
N LYS A 46 15.64 -18.94 14.89
CA LYS A 46 15.52 -17.49 14.99
C LYS A 46 15.24 -16.91 13.61
N LEU A 47 14.41 -15.87 13.54
CA LEU A 47 14.09 -15.25 12.27
C LEU A 47 15.21 -14.36 11.76
N SER A 48 15.41 -14.36 10.45
CA SER A 48 16.36 -13.48 9.83
C SER A 48 15.72 -12.10 9.76
N THR A 49 16.52 -11.09 9.43
CA THR A 49 15.99 -9.74 9.21
C THR A 49 14.93 -9.76 8.10
N PHE A 50 15.19 -10.53 7.04
CA PHE A 50 14.20 -10.70 5.99
C PHE A 50 12.86 -11.26 6.49
N GLY A 51 12.92 -12.30 7.32
CA GLY A 51 11.72 -12.88 7.88
C GLY A 51 10.93 -11.88 8.70
N LEU A 52 11.64 -11.08 9.50
CA LEU A 52 10.96 -10.06 10.30
C LEU A 52 10.35 -8.95 9.44
N MET A 53 11.07 -8.54 8.41
CA MET A 53 10.56 -7.50 7.52
C MET A 53 9.37 -8.00 6.70
N CYS A 54 9.37 -9.29 6.39
CA CYS A 54 8.23 -9.92 5.72
CA CYS A 54 8.22 -9.93 5.75
C CYS A 54 6.98 -9.89 6.60
N LYS A 55 7.13 -10.26 7.87
CA LYS A 55 5.98 -10.24 8.78
C LYS A 55 5.49 -8.81 8.96
N MET A 56 6.42 -7.86 8.93
CA MET A 56 6.04 -6.46 9.02
C MET A 56 5.21 -6.00 7.83
N ALA A 57 5.64 -6.39 6.62
CA ALA A 57 4.88 -6.06 5.41
C ALA A 57 3.51 -6.76 5.41
N ASP A 58 3.50 -8.01 5.86
CA ASP A 58 2.26 -8.77 6.02
C ASP A 58 1.25 -8.05 6.95
N GLN A 59 1.71 -7.61 8.11
CA GLN A 59 0.81 -6.90 9.03
C GLN A 59 0.34 -5.55 8.49
N THR A 60 1.19 -4.86 7.72
CA THR A 60 0.78 -3.63 7.05
C THR A 60 -0.31 -3.93 6.04
N LEU A 61 -0.18 -5.03 5.30
CA LEU A 61 -1.23 -5.41 4.33
C LEU A 61 -2.56 -5.73 5.04
N PHE A 62 -2.50 -6.43 6.18
CA PHE A 62 -3.71 -6.62 6.99
C PHE A 62 -4.37 -5.27 7.29
N SER A 63 -3.56 -4.30 7.71
CA SER A 63 -4.09 -2.97 8.01
C SER A 63 -4.72 -2.28 6.78
N ILE A 64 -4.10 -2.49 5.61
CA ILE A 64 -4.63 -1.95 4.36
C ILE A 64 -5.99 -2.57 4.03
N VAL A 65 -6.10 -3.89 4.17
CA VAL A 65 -7.38 -4.58 3.93
C VAL A 65 -8.44 -4.13 4.95
N GLU A 66 -8.03 -3.95 6.19
CA GLU A 66 -8.95 -3.41 7.20
C GLU A 66 -9.42 -1.99 6.86
N TRP A 67 -8.53 -1.17 6.30
CA TRP A 67 -8.90 0.16 5.78
C TRP A 67 -9.94 0.04 4.66
N ALA A 68 -9.66 -0.82 3.69
CA ALA A 68 -10.48 -0.95 2.50
C ALA A 68 -11.89 -1.48 2.83
N ARG A 69 -11.96 -2.49 3.67
CA ARG A 69 -13.25 -3.15 3.91
C ARG A 69 -14.29 -2.23 4.58
N SER A 70 -13.83 -1.23 5.31
CA SER A 70 -14.72 -0.30 5.99
CA SER A 70 -14.74 -0.30 5.99
C SER A 70 -14.87 1.04 5.27
N SER A 71 -14.24 1.15 4.10
CA SER A 71 -14.19 2.41 3.36
C SER A 71 -15.44 2.70 2.55
N ILE A 72 -15.77 3.99 2.45
CA ILE A 72 -16.83 4.48 1.59
C ILE A 72 -16.66 3.93 0.19
N PHE A 73 -17.78 3.59 -0.45
CA PHE A 73 -17.81 2.97 -1.79
C PHE A 73 -17.39 1.51 -1.79
N PHE A 74 -16.20 1.23 -1.30
CA PHE A 74 -15.70 -0.15 -1.34
C PHE A 74 -16.64 -1.09 -0.58
N ARG A 75 -17.13 -0.60 0.55
CA ARG A 75 -18.01 -1.38 1.42
C ARG A 75 -19.36 -1.69 0.72
N GLU A 76 -19.66 -0.99 -0.38
CA GLU A 76 -20.90 -1.20 -1.12
CA GLU A 76 -20.92 -1.23 -1.08
C GLU A 76 -20.79 -2.35 -2.11
N LEU A 77 -19.58 -2.86 -2.32
CA LEU A 77 -19.38 -3.94 -3.28
C LEU A 77 -19.54 -5.29 -2.58
N LYS A 78 -19.95 -6.32 -3.33
CA LYS A 78 -20.06 -7.66 -2.75
C LYS A 78 -18.66 -8.23 -2.52
N VAL A 79 -18.54 -9.19 -1.62
CA VAL A 79 -17.24 -9.75 -1.28
C VAL A 79 -16.45 -10.23 -2.49
N ASP A 80 -17.10 -10.93 -3.40
CA ASP A 80 -16.43 -11.37 -4.64
C ASP A 80 -15.80 -10.23 -5.47
N ASP A 81 -16.49 -9.09 -5.56
CA ASP A 81 -15.93 -7.93 -6.26
C ASP A 81 -14.77 -7.34 -5.48
N GLN A 82 -14.95 -7.24 -4.16
CA GLN A 82 -13.89 -6.76 -3.27
C GLN A 82 -12.60 -7.57 -3.40
N MET A 83 -12.77 -8.90 -3.47
CA MET A 83 -11.65 -9.81 -3.63
C MET A 83 -10.91 -9.49 -4.93
N LYS A 84 -11.65 -9.32 -6.02
CA LYS A 84 -11.04 -9.03 -7.31
C LYS A 84 -10.28 -7.70 -7.34
N LEU A 85 -10.84 -6.66 -6.72
CA LEU A 85 -10.16 -5.37 -6.71
C LEU A 85 -8.88 -5.43 -5.89
N LEU A 86 -8.93 -6.08 -4.74
CA LEU A 86 -7.76 -6.14 -3.88
C LEU A 86 -6.67 -7.04 -4.44
N GLN A 87 -7.06 -8.11 -5.13
CA GLN A 87 -6.08 -8.98 -5.74
CA GLN A 87 -6.09 -8.99 -5.78
C GLN A 87 -5.36 -8.26 -6.88
N ASN A 88 -6.04 -7.29 -7.49
CA ASN A 88 -5.46 -6.50 -8.56
C ASN A 88 -4.43 -5.48 -8.07
N CYS A 89 -4.63 -4.94 -6.86
CA CYS A 89 -3.84 -3.77 -6.47
C CYS A 89 -3.05 -3.90 -5.17
N TRP A 90 -3.01 -5.09 -4.56
CA TRP A 90 -2.46 -5.20 -3.21
C TRP A 90 -1.02 -4.66 -3.05
N SER A 91 -0.15 -5.01 -4.00
CA SER A 91 1.27 -4.62 -3.94
C SER A 91 1.43 -3.12 -4.22
N GLU A 92 0.59 -2.57 -5.11
CA GLU A 92 0.58 -1.13 -5.38
C GLU A 92 0.18 -0.32 -4.15
N LEU A 93 -0.85 -0.78 -3.44
CA LEU A 93 -1.21 -0.12 -2.16
C LEU A 93 -0.10 -0.20 -1.11
N LEU A 94 0.57 -1.34 -0.99
CA LEU A 94 1.69 -1.46 -0.06
C LEU A 94 2.81 -0.49 -0.46
N ILE A 95 3.10 -0.42 -1.75
CA ILE A 95 4.13 0.51 -2.22
C ILE A 95 3.70 1.97 -2.00
N LEU A 96 2.45 2.28 -2.32
CA LEU A 96 1.97 3.65 -2.09
C LEU A 96 2.04 4.05 -0.62
N ASP A 97 1.64 3.12 0.25
CA ASP A 97 1.71 3.31 1.69
C ASP A 97 3.14 3.62 2.17
N HIS A 98 4.09 2.84 1.66
CA HIS A 98 5.49 3.02 2.02
C HIS A 98 6.01 4.39 1.57
N ILE A 99 5.68 4.75 0.33
CA ILE A 99 6.16 5.97 -0.27
C ILE A 99 5.61 7.20 0.47
N TYR A 100 4.32 7.18 0.78
CA TYR A 100 3.71 8.29 1.50
C TYR A 100 4.30 8.40 2.91
N ARG A 101 4.56 7.25 3.54
CA ARG A 101 5.22 7.26 4.84
C ARG A 101 6.57 8.01 4.77
N GLN A 102 7.33 7.80 3.69
CA GLN A 102 8.62 8.49 3.54
C GLN A 102 8.41 10.00 3.40
N VAL A 103 7.37 10.40 2.66
CA VAL A 103 7.08 11.83 2.48
C VAL A 103 6.74 12.53 3.80
N VAL A 104 5.89 11.91 4.61
CA VAL A 104 5.43 12.48 5.88
C VAL A 104 6.47 12.42 6.99
N HIS A 105 7.02 11.23 7.20
CA HIS A 105 7.85 10.95 8.36
C HIS A 105 9.33 10.76 8.08
N GLY A 106 9.68 10.54 6.81
CA GLY A 106 11.05 10.21 6.46
C GLY A 106 11.97 11.42 6.36
N LYS A 107 13.26 11.15 6.33
CA LYS A 107 14.25 12.20 6.04
C LYS A 107 15.23 11.70 4.99
N GLU A 108 15.98 12.63 4.38
CA GLU A 108 16.99 12.25 3.40
C GLU A 108 17.93 11.19 3.96
N GLY A 109 18.18 10.17 3.15
CA GLY A 109 19.17 9.17 3.50
C GLY A 109 18.66 8.03 4.37
N SER A 110 17.43 8.13 4.88
CA SER A 110 16.92 7.06 5.75
C SER A 110 15.49 6.61 5.43
N ILE A 111 15.22 5.34 5.68
CA ILE A 111 13.90 4.77 5.39
C ILE A 111 13.16 4.64 6.71
N PHE A 112 11.96 5.19 6.78
CA PHE A 112 11.13 5.12 7.97
C PHE A 112 10.13 3.98 7.82
N LEU A 113 10.07 3.08 8.81
CA LEU A 113 9.20 1.90 8.73
C LEU A 113 7.89 2.10 9.49
N VAL A 114 6.91 1.24 9.20
CA VAL A 114 5.58 1.34 9.80
C VAL A 114 5.62 1.22 11.34
N THR A 115 6.66 0.57 11.85
CA THR A 115 6.87 0.44 13.28
C THR A 115 7.48 1.69 13.94
N GLY A 116 7.84 2.70 13.14
CA GLY A 116 8.57 3.85 13.66
C GLY A 116 10.08 3.61 13.70
N GLN A 117 10.50 2.44 13.27
CA GLN A 117 11.93 2.13 13.18
C GLN A 117 12.50 2.75 11.90
N GLN A 118 13.83 2.73 11.77
CA GLN A 118 14.48 3.36 10.62
CA GLN A 118 14.48 3.35 10.62
C GLN A 118 15.76 2.64 10.22
N VAL A 119 16.06 2.62 8.92
CA VAL A 119 17.32 2.11 8.41
CA VAL A 119 17.33 2.12 8.42
C VAL A 119 17.85 3.03 7.30
N ASP A 120 19.17 3.25 7.28
CA ASP A 120 19.73 4.14 6.26
C ASP A 120 19.77 3.48 4.89
N TYR A 121 19.53 4.26 3.84
CA TYR A 121 19.65 3.75 2.48
C TYR A 121 21.05 3.16 2.25
N SER A 122 22.05 3.74 2.90
CA SER A 122 23.43 3.30 2.69
C SER A 122 23.64 1.87 3.16
N ILE A 123 22.89 1.45 4.16
CA ILE A 123 22.96 0.06 4.63
C ILE A 123 22.53 -0.89 3.52
N ILE A 124 21.41 -0.57 2.87
CA ILE A 124 20.91 -1.38 1.76
C ILE A 124 21.90 -1.41 0.60
N ALA A 125 22.45 -0.25 0.28
CA ALA A 125 23.40 -0.11 -0.82
C ALA A 125 24.57 -1.12 -0.72
N SER A 126 25.08 -1.28 0.50
CA SER A 126 26.23 -2.14 0.75
C SER A 126 25.85 -3.62 0.78
N GLN A 127 24.79 -3.91 1.53
CA GLN A 127 24.50 -5.27 1.98
C GLN A 127 23.56 -6.06 1.08
N ALA A 128 22.66 -5.37 0.38
CA ALA A 128 21.61 -6.08 -0.33
C ALA A 128 22.00 -6.46 -1.76
N GLY A 129 21.22 -7.34 -2.36
CA GLY A 129 21.46 -7.75 -3.73
C GLY A 129 21.01 -6.70 -4.74
N ALA A 130 20.97 -7.11 -6.00
CA ALA A 130 20.66 -6.20 -7.10
C ALA A 130 19.18 -5.91 -7.23
N THR A 131 18.34 -6.90 -6.93
CA THR A 131 16.90 -6.72 -7.07
C THR A 131 16.40 -5.72 -6.03
N LEU A 132 16.83 -5.87 -4.78
CA LEU A 132 16.37 -4.96 -3.74
C LEU A 132 16.97 -3.56 -3.92
N ASN A 133 18.23 -3.51 -4.32
CA ASN A 133 18.85 -2.21 -4.60
C ASN A 133 18.18 -1.43 -5.72
N ASN A 134 17.80 -2.11 -6.79
CA ASN A 134 17.09 -1.45 -7.89
C ASN A 134 15.74 -0.93 -7.41
N LEU A 135 15.04 -1.79 -6.68
CA LEU A 135 13.76 -1.50 -6.06
C LEU A 135 13.84 -0.25 -5.20
N MET A 136 14.84 -0.22 -4.34
CA MET A 136 14.98 0.87 -3.39
C MET A 136 15.44 2.14 -4.08
N SER A 137 16.25 2.00 -5.12
CA SER A 137 16.70 3.15 -5.89
C SER A 137 15.51 3.86 -6.55
N HIS A 138 14.64 3.07 -7.17
CA HIS A 138 13.42 3.63 -7.75
C HIS A 138 12.45 4.22 -6.73
N ALA A 139 12.25 3.54 -5.61
CA ALA A 139 11.38 4.10 -4.57
C ALA A 139 11.93 5.41 -4.01
N GLN A 140 13.24 5.46 -3.75
CA GLN A 140 13.87 6.68 -3.24
C GLN A 140 13.65 7.89 -4.17
N GLU A 141 13.77 7.64 -5.47
CA GLU A 141 13.56 8.69 -6.46
C GLU A 141 12.10 9.13 -6.53
N LEU A 142 11.19 8.17 -6.45
CA LEU A 142 9.75 8.50 -6.42
C LEU A 142 9.39 9.37 -5.20
N VAL A 143 9.88 9.00 -4.02
CA VAL A 143 9.74 9.83 -2.83
C VAL A 143 10.30 11.23 -3.06
N ALA A 144 11.51 11.31 -3.61
CA ALA A 144 12.12 12.60 -3.90
C ALA A 144 11.25 13.46 -4.82
N LYS A 145 10.71 12.85 -5.88
CA LYS A 145 9.80 13.59 -6.75
C LYS A 145 8.58 14.07 -5.98
N LEU A 146 8.03 13.22 -5.12
CA LEU A 146 6.81 13.59 -4.40
C LEU A 146 7.05 14.68 -3.36
N ARG A 147 8.21 14.66 -2.73
CA ARG A 147 8.60 15.73 -1.81
C ARG A 147 8.66 17.07 -2.57
N SER A 148 9.17 17.01 -3.80
CA SER A 148 9.34 18.20 -4.63
C SER A 148 7.99 18.79 -5.01
N LEU A 149 7.03 17.90 -5.29
CA LEU A 149 5.66 18.31 -5.64
C LEU A 149 4.84 18.77 -4.44
N GLN A 150 5.38 18.59 -3.23
CA GLN A 150 4.64 18.84 -1.98
C GLN A 150 3.38 17.97 -1.86
N PHE A 151 3.53 16.70 -2.22
CA PHE A 151 2.50 15.68 -2.06
C PHE A 151 1.91 15.72 -0.65
N ASP A 152 0.57 15.79 -0.53
CA ASP A 152 -0.05 15.92 0.79
C ASP A 152 -1.10 14.84 1.10
N GLN A 153 -1.66 14.87 2.30
CA GLN A 153 -2.55 13.80 2.73
C GLN A 153 -3.84 13.73 1.88
N ARG A 154 -4.36 14.89 1.47
CA ARG A 154 -5.54 14.90 0.61
C ARG A 154 -5.27 14.20 -0.72
N GLU A 155 -4.12 14.48 -1.31
CA GLU A 155 -3.72 13.86 -2.56
C GLU A 155 -3.45 12.38 -2.38
N PHE A 156 -2.85 12.05 -1.24
CA PHE A 156 -2.52 10.66 -0.92
C PHE A 156 -3.79 9.82 -0.90
N VAL A 157 -4.83 10.28 -0.19
CA VAL A 157 -6.04 9.48 -0.12
CA VAL A 157 -6.05 9.50 -0.10
C VAL A 157 -6.74 9.35 -1.47
N CYS A 158 -6.69 10.41 -2.27
CA CYS A 158 -7.17 10.30 -3.66
C CYS A 158 -6.41 9.22 -4.44
N LEU A 159 -5.08 9.23 -4.38
CA LEU A 159 -4.31 8.18 -5.10
C LEU A 159 -4.67 6.78 -4.60
N LYS A 160 -4.90 6.63 -3.30
CA LYS A 160 -5.26 5.31 -2.77
C LYS A 160 -6.52 4.80 -3.44
N PHE A 161 -7.55 5.66 -3.51
CA PHE A 161 -8.78 5.26 -4.18
C PHE A 161 -8.63 5.01 -5.68
N LEU A 162 -7.77 5.79 -6.36
CA LEU A 162 -7.55 5.59 -7.78
C LEU A 162 -6.83 4.28 -8.06
N VAL A 163 -5.92 3.91 -7.17
CA VAL A 163 -5.23 2.62 -7.27
C VAL A 163 -6.21 1.47 -6.97
N LEU A 164 -7.02 1.63 -5.92
CA LEU A 164 -7.98 0.58 -5.54
C LEU A 164 -9.07 0.34 -6.58
N PHE A 165 -9.67 1.43 -7.04
CA PHE A 165 -10.79 1.36 -7.99
C PHE A 165 -10.28 1.45 -9.42
N SER A 166 -9.52 0.44 -9.79
CA SER A 166 -8.84 0.38 -11.08
C SER A 166 -9.80 -0.03 -12.18
N LEU A 167 -9.68 0.62 -13.34
CA LEU A 167 -10.51 0.29 -14.49
C LEU A 167 -9.99 -0.95 -15.25
N ASP A 168 -8.83 -1.44 -14.84
CA ASP A 168 -8.21 -2.60 -15.49
C ASP A 168 -8.74 -3.95 -15.00
N VAL A 169 -9.71 -3.92 -14.08
CA VAL A 169 -10.19 -5.15 -13.47
C VAL A 169 -11.41 -5.70 -14.18
N LYS A 170 -11.31 -6.95 -14.64
CA LYS A 170 -12.43 -7.58 -15.33
C LYS A 170 -13.21 -8.52 -14.41
N ASN A 171 -14.44 -8.85 -14.84
CA ASN A 171 -15.34 -9.77 -14.14
C ASN A 171 -15.95 -9.22 -12.85
N LEU A 172 -16.09 -7.90 -12.77
CA LEU A 172 -16.81 -7.29 -11.66
C LEU A 172 -18.29 -7.24 -11.99
N GLU A 173 -19.12 -7.62 -11.03
CA GLU A 173 -20.56 -7.47 -11.18
C GLU A 173 -20.93 -5.99 -11.24
N ASN A 174 -20.44 -5.22 -10.29
CA ASN A 174 -20.74 -3.79 -10.23
C ASN A 174 -19.60 -2.93 -10.79
N PHE A 175 -19.24 -3.17 -12.04
CA PHE A 175 -18.18 -2.37 -12.66
CA PHE A 175 -18.20 -2.39 -12.72
C PHE A 175 -18.59 -0.92 -12.84
N GLN A 176 -19.89 -0.64 -12.77
CA GLN A 176 -20.39 0.73 -12.88
C GLN A 176 -19.98 1.59 -11.68
N LEU A 177 -20.13 1.07 -10.47
CA LEU A 177 -19.73 1.81 -9.28
CA LEU A 177 -19.73 1.81 -9.28
C LEU A 177 -18.25 2.16 -9.36
N VAL A 178 -17.46 1.22 -9.85
CA VAL A 178 -16.01 1.41 -9.96
C VAL A 178 -15.65 2.56 -10.91
N GLU A 179 -16.30 2.59 -12.08
CA GLU A 179 -16.12 3.69 -13.02
C GLU A 179 -16.53 5.02 -12.39
N GLY A 180 -17.64 4.99 -11.65
CA GLY A 180 -18.12 6.19 -10.98
C GLY A 180 -17.12 6.72 -9.96
N VAL A 181 -16.51 5.83 -9.20
CA VAL A 181 -15.55 6.25 -8.19
C VAL A 181 -14.34 6.86 -8.85
N GLN A 182 -13.83 6.18 -9.89
CA GLN A 182 -12.66 6.67 -10.63
C GLN A 182 -12.92 8.07 -11.21
N GLU A 183 -14.10 8.29 -11.77
CA GLU A 183 -14.44 9.59 -12.32
C GLU A 183 -14.51 10.69 -11.27
N GLN A 184 -15.22 10.40 -10.17
CA GLN A 184 -15.42 11.38 -9.10
CA GLN A 184 -15.42 11.39 -9.12
C GLN A 184 -14.12 11.73 -8.38
N VAL A 185 -13.28 10.73 -8.13
CA VAL A 185 -12.04 10.99 -7.42
C VAL A 185 -11.05 11.76 -8.28
N ASN A 186 -10.96 11.39 -9.56
CA ASN A 186 -10.14 12.16 -10.48
C ASN A 186 -10.57 13.62 -10.49
N ALA A 187 -11.87 13.85 -10.59
CA ALA A 187 -12.37 15.23 -10.65
C ALA A 187 -12.06 15.99 -9.35
N ALA A 188 -12.23 15.34 -8.19
CA ALA A 188 -11.96 16.01 -6.92
C ALA A 188 -10.46 16.32 -6.73
N LEU A 189 -9.60 15.39 -7.15
CA LEU A 189 -8.16 15.62 -7.04
C LEU A 189 -7.72 16.79 -7.91
N LEU A 190 -8.26 16.86 -9.12
CA LEU A 190 -7.93 17.97 -10.00
C LEU A 190 -8.38 19.31 -9.36
N ASP A 191 -9.60 19.33 -8.85
CA ASP A 191 -10.09 20.54 -8.19
C ASP A 191 -9.21 20.92 -7.00
N TYR A 192 -8.82 19.90 -6.23
CA TYR A 192 -8.02 20.11 -5.04
C TYR A 192 -6.65 20.69 -5.36
N THR A 193 -5.95 20.08 -6.32
CA THR A 193 -4.60 20.52 -6.67
C THR A 193 -4.61 21.92 -7.31
N MET A 194 -5.55 22.17 -8.20
CA MET A 194 -5.67 23.48 -8.83
CA MET A 194 -5.63 23.49 -8.83
C MET A 194 -5.92 24.57 -7.80
N CYS A 195 -6.76 24.27 -6.82
CA CYS A 195 -7.10 25.24 -5.78
C CYS A 195 -5.95 25.52 -4.81
N ASN A 196 -5.31 24.45 -4.32
CA ASN A 196 -4.35 24.57 -3.24
C ASN A 196 -2.89 24.69 -3.65
N TYR A 197 -2.57 24.30 -4.89
CA TYR A 197 -1.22 24.45 -5.42
C TYR A 197 -1.22 25.18 -6.78
N PRO A 198 -1.82 26.37 -6.82
CA PRO A 198 -2.03 27.05 -8.10
C PRO A 198 -0.74 27.40 -8.85
N GLN A 199 0.37 27.56 -8.13
CA GLN A 199 1.66 27.82 -8.77
C GLN A 199 2.15 26.62 -9.57
N GLN A 200 1.71 25.43 -9.19
CA GLN A 200 2.07 24.21 -9.92
C GLN A 200 0.98 23.86 -10.91
N THR A 201 1.01 24.48 -12.09
CA THR A 201 -0.08 24.38 -13.06
C THR A 201 -0.28 22.97 -13.61
N GLU A 202 0.67 22.09 -13.34
CA GLU A 202 0.66 20.74 -13.88
C GLU A 202 0.58 19.66 -12.80
N LYS A 203 0.37 20.06 -11.54
CA LYS A 203 0.47 19.09 -10.44
C LYS A 203 -0.42 17.87 -10.60
N PHE A 204 -1.67 18.07 -11.00
CA PHE A 204 -2.57 16.94 -11.25
C PHE A 204 -1.96 15.93 -12.23
N GLY A 205 -1.51 16.41 -13.39
CA GLY A 205 -0.92 15.53 -14.38
C GLY A 205 0.34 14.85 -13.86
N GLN A 206 1.11 15.57 -13.04
CA GLN A 206 2.35 15.02 -12.48
C GLN A 206 2.08 13.95 -11.44
N LEU A 207 1.03 14.15 -10.64
CA LEU A 207 0.62 13.08 -9.72
C LEU A 207 0.17 11.83 -10.46
N LEU A 208 -0.70 11.98 -11.46
CA LEU A 208 -1.10 10.81 -12.25
C LEU A 208 0.11 10.09 -12.87
N LEU A 209 1.12 10.84 -13.30
CA LEU A 209 2.32 10.21 -13.89
C LEU A 209 3.10 9.31 -12.90
N ARG A 210 2.81 9.48 -11.67
CA ARG A 210 3.51 8.63 -10.68
C ARG A 210 2.88 7.25 -10.55
N LEU A 211 1.63 7.09 -11.00
CA LEU A 211 0.95 5.79 -10.87
C LEU A 211 1.63 4.65 -11.67
N PRO A 212 2.06 4.92 -12.93
CA PRO A 212 2.81 3.84 -13.61
C PRO A 212 4.14 3.51 -12.94
N GLU A 213 4.76 4.47 -12.26
CA GLU A 213 6.01 4.21 -11.56
C GLU A 213 5.73 3.35 -10.32
N ILE A 214 4.65 3.66 -9.60
CA ILE A 214 4.16 2.79 -8.51
C ILE A 214 3.90 1.35 -8.97
N ARG A 215 3.26 1.21 -10.11
CA ARG A 215 3.01 -0.12 -10.65
C ARG A 215 4.30 -0.86 -11.00
N ALA A 216 5.27 -0.17 -11.59
CA ALA A 216 6.53 -0.82 -11.95
C ALA A 216 7.29 -1.28 -10.72
N ILE A 217 7.31 -0.45 -9.68
CA ILE A 217 7.97 -0.82 -8.43
C ILE A 217 7.28 -2.03 -7.75
N SER A 218 5.96 -2.03 -7.71
CA SER A 218 5.26 -3.13 -7.04
CA SER A 218 5.26 -3.12 -7.04
C SER A 218 5.46 -4.45 -7.82
N MET A 219 5.63 -4.40 -9.14
CA MET A 219 5.95 -5.62 -9.83
CA MET A 219 5.97 -5.61 -9.86
C MET A 219 7.30 -6.19 -9.58
N GLN A 220 8.29 -5.32 -9.42
CA GLN A 220 9.61 -5.84 -9.08
C GLN A 220 9.64 -6.33 -7.62
N ALA A 221 8.85 -5.70 -6.75
CA ALA A 221 8.72 -6.17 -5.37
C ALA A 221 8.06 -7.55 -5.32
N GLU A 222 7.07 -7.76 -6.18
CA GLU A 222 6.47 -9.10 -6.29
C GLU A 222 7.49 -10.14 -6.74
N GLU A 223 8.31 -9.77 -7.71
CA GLU A 223 9.35 -10.69 -8.19
C GLU A 223 10.34 -11.04 -7.10
N TYR A 224 10.76 -10.02 -6.36
CA TYR A 224 11.67 -10.18 -5.23
C TYR A 224 11.09 -11.12 -4.16
N LEU A 225 9.83 -10.88 -3.77
CA LEU A 225 9.16 -11.74 -2.79
C LEU A 225 9.04 -13.19 -3.28
N TYR A 226 8.75 -13.35 -4.57
CA TYR A 226 8.53 -14.67 -5.17
C TYR A 226 9.77 -15.53 -5.07
N TYR A 227 10.92 -14.94 -5.41
CA TYR A 227 12.19 -15.67 -5.37
C TYR A 227 12.61 -16.00 -3.94
N LYS A 228 12.39 -15.08 -3.01
CA LYS A 228 12.65 -15.36 -1.62
C LYS A 228 11.77 -16.45 -1.06
N HIS A 229 10.52 -16.44 -1.44
CA HIS A 229 9.58 -17.46 -1.02
C HIS A 229 10.03 -18.84 -1.52
N LEU A 230 10.30 -18.93 -2.80
CA LEU A 230 10.70 -20.24 -3.38
CA LEU A 230 10.75 -20.22 -3.45
C LEU A 230 12.10 -20.67 -3.01
N ASN A 231 12.87 -19.78 -2.40
CA ASN A 231 14.16 -20.12 -1.82
C ASN A 231 14.03 -20.62 -0.39
N GLY A 232 12.80 -20.61 0.13
CA GLY A 232 12.54 -21.07 1.48
C GLY A 232 12.69 -20.00 2.55
N ASP A 233 12.84 -18.75 2.13
CA ASP A 233 13.12 -17.65 3.05
C ASP A 233 11.87 -17.08 3.73
N VAL A 234 10.68 -17.53 3.33
CA VAL A 234 9.44 -17.10 3.98
C VAL A 234 8.99 -18.11 5.04
N PRO A 235 8.91 -17.65 6.31
CA PRO A 235 8.67 -18.44 7.53
C PRO A 235 7.40 -19.30 7.52
N TYR A 236 6.24 -18.69 7.28
CA TYR A 236 5.05 -19.46 7.27
CA TYR A 236 5.02 -19.41 7.32
C TYR A 236 4.05 -18.83 6.19
N ASN A 237 2.89 -19.46 6.03
CA ASN A 237 1.87 -18.94 5.13
C ASN A 237 1.36 -17.63 5.71
N ASN A 238 1.17 -16.64 4.84
CA ASN A 238 0.67 -15.36 5.26
C ASN A 238 -0.11 -14.69 4.14
N LEU A 239 -0.70 -13.54 4.43
CA LEU A 239 -1.51 -12.87 3.44
C LEU A 239 -0.70 -12.43 2.22
N LEU A 240 0.53 -11.98 2.45
CA LEU A 240 1.45 -11.54 1.42
CA LEU A 240 1.46 -11.55 1.41
C LEU A 240 1.57 -12.67 0.33
N ILE A 241 1.93 -13.85 0.81
CA ILE A 241 2.14 -15.03 -0.02
C ILE A 241 0.88 -15.46 -0.74
N GLU A 242 -0.26 -15.44 -0.04
CA GLU A 242 -1.55 -15.70 -0.66
C GLU A 242 -1.81 -14.79 -1.85
N MET A 243 -1.61 -13.49 -1.65
CA MET A 243 -1.84 -12.52 -2.71
C MET A 243 -0.87 -12.75 -3.88
N LEU A 244 0.38 -13.06 -3.54
CA LEU A 244 1.40 -13.29 -4.55
C LEU A 244 1.00 -14.39 -5.54
N HIS A 245 0.54 -15.52 -5.02
CA HIS A 245 0.17 -16.67 -5.83
C HIS A 245 -1.24 -16.64 -6.43
N ALA A 246 -2.02 -15.62 -6.12
CA ALA A 246 -3.41 -15.61 -6.58
C ALA A 246 -3.59 -15.14 -8.02
N LYS A 247 -4.82 -15.28 -8.51
CA LYS A 247 -5.24 -14.88 -9.85
C LYS A 247 -4.46 -15.63 -10.93
N PRO B 1 -12.22 -24.39 -4.44
CA PRO B 1 -12.44 -23.52 -3.27
C PRO B 1 -11.18 -23.42 -2.41
N ARG B 2 -10.86 -22.25 -1.87
CA ARG B 2 -9.65 -22.11 -1.07
C ARG B 2 -9.95 -21.62 0.36
N GLN B 3 -10.54 -22.49 1.16
CA GLN B 3 -11.10 -22.18 2.43
C GLN B 3 -10.08 -21.54 3.34
N GLY B 4 -8.83 -21.82 3.03
CA GLY B 4 -7.69 -21.29 3.72
C GLY B 4 -7.44 -19.83 3.44
N SER B 5 -8.26 -19.18 2.64
CA SER B 5 -8.06 -17.77 2.24
C SER B 5 -8.20 -16.72 3.35
N ILE B 6 -7.08 -16.11 3.65
CA ILE B 6 -7.04 -15.07 4.67
C ILE B 6 -7.79 -13.82 4.20
N LEU B 7 -7.64 -13.49 2.93
CA LEU B 7 -8.32 -12.33 2.36
C LEU B 7 -9.83 -12.49 2.44
N TYR B 8 -10.32 -13.67 2.07
CA TYR B 8 -11.74 -13.95 2.16
C TYR B 8 -12.25 -13.82 3.62
N SER B 9 -11.48 -14.38 4.55
CA SER B 9 -11.80 -14.31 5.96
CA SER B 9 -11.85 -14.29 5.95
C SER B 9 -11.93 -12.85 6.44
N LEU B 10 -10.96 -12.01 6.06
CA LEU B 10 -10.99 -10.60 6.44
C LEU B 10 -12.21 -9.87 5.85
N LEU B 11 -12.54 -10.18 4.61
CA LEU B 11 -13.64 -9.49 3.95
C LEU B 11 -15.01 -9.95 4.49
N THR B 12 -15.17 -11.26 4.69
CA THR B 12 -16.45 -11.80 5.16
C THR B 12 -16.74 -11.34 6.60
N SER B 13 -15.70 -10.95 7.32
CA SER B 13 -15.87 -10.44 8.67
C SER B 13 -16.49 -9.04 8.73
N SER B 14 -16.59 -8.37 7.59
CA SER B 14 -17.14 -7.03 7.55
C SER B 14 -18.41 -6.94 6.71
N LYS B 15 -19.10 -8.07 6.49
CA LYS B 15 -20.28 -8.03 5.64
C LYS B 15 -21.48 -8.72 6.29
CBG PIZ C . 5.03 -5.58 -2.41
CBF PIZ C . 5.41 -6.69 -1.43
CBE PIZ C . 6.94 -6.75 -1.25
CBD PIZ C . 7.44 -7.77 -0.21
CBC PIZ C . 8.87 -7.51 0.20
CBB PIZ C . 9.31 -8.43 1.35
CBA PIZ C . 8.94 -7.81 2.69
CB9 PIZ C . 9.72 -6.53 2.85
CB8 PIZ C . 11.23 -6.89 2.83
CB7 PIZ C . 11.98 -5.66 2.35
CB6 PIZ C . 13.49 -5.80 2.65
CB5 PIZ C . 13.76 -7.02 3.48
CB4 PIZ C . 15.16 -6.84 4.11
CB3 PIZ C . 16.18 -7.27 3.09
CB2 PIZ C . 16.34 -8.78 3.31
CB1 PIZ C . 17.81 -8.95 3.67
OB2 PIZ C . 18.02 -9.14 4.85
OB1 PIZ C . 18.61 -8.03 2.93
C7 PIZ C . 20.01 -8.33 2.66
C8 PIZ C . 20.09 -9.64 1.87
O13 PIZ C . 20.01 -9.08 0.54
P1 PIZ C . 18.84 -9.52 -0.40
O12 PIZ C . 17.53 -9.70 0.28
O11 PIZ C . 18.83 -8.70 -1.66
O1 PIZ C . 19.35 -11.05 -0.86
C1 PIZ C . 20.44 -11.18 -1.80
C2 PIZ C . 19.82 -11.31 -3.17
O2 PIZ C . 18.73 -12.25 -3.10
C3 PIZ C . 20.82 -11.72 -4.23
O3 PIZ C . 20.07 -11.99 -5.41
P3 PIZ C . 19.96 -10.80 -6.51
O31 PIZ C . 19.66 -11.43 -7.85
O32 PIZ C . 18.81 -9.92 -6.08
O33 PIZ C . 21.25 -10.00 -6.58
C4 PIZ C . 21.64 -12.97 -3.82
O4 PIZ C . 22.68 -13.19 -4.77
P4 PIZ C . 22.77 -14.57 -5.56
O41 PIZ C . 21.57 -14.85 -6.42
O42 PIZ C . 23.99 -14.28 -6.38
O43 PIZ C . 23.00 -15.72 -4.61
C5 PIZ C . 22.26 -12.82 -2.43
O5 PIZ C . 22.78 -14.15 -2.10
P5 PIZ C . 24.23 -14.20 -1.43
O51 PIZ C . 24.49 -15.67 -1.23
O52 PIZ C . 25.20 -13.61 -2.45
O53 PIZ C . 24.28 -13.48 -0.12
C6 PIZ C . 21.21 -12.51 -1.43
O6 PIZ C . 21.82 -12.28 -0.22
C9 PIZ C . 20.69 -8.25 4.00
OA1 PIZ C . 21.17 -6.92 4.02
CA1 PIZ C . 20.32 -5.81 4.06
OA2 PIZ C . 20.33 -5.08 3.07
CA2 PIZ C . 20.30 -5.04 5.36
CA3 PIZ C . 19.12 -4.05 5.32
CA4 PIZ C . 17.88 -4.66 6.09
CA5 PIZ C . 16.73 -3.68 6.39
CA6 PIZ C . 16.06 -3.01 5.17
CA7 PIZ C . 14.51 -3.13 5.28
CA8 PIZ C . 13.70 -1.92 4.83
CA9 PIZ C . 12.68 -2.21 3.71
CAA PIZ C . 11.22 -2.48 4.18
CAB PIZ C . 10.24 -1.44 3.62
CAC PIZ C . 9.47 -1.91 2.35
CAD PIZ C . 7.93 -1.75 2.60
CAE PIZ C . 7.17 -1.77 1.28
CAF PIZ C . 5.94 -2.66 1.45
CAG PIZ C . 6.14 -4.01 0.81
C1 EDO D . 10.68 -4.83 13.87
O1 EDO D . 11.89 -4.96 13.10
C2 EDO D . 10.93 -5.55 15.19
O2 EDO D . 11.91 -4.84 15.93
C1 EDO E . 11.12 -0.46 -11.89
O1 EDO E . 12.04 -1.21 -12.69
C2 EDO E . 10.97 -1.19 -10.57
O2 EDO E . 12.21 -1.12 -9.86
C1 EDO F . -2.33 22.43 1.53
O1 EDO F . -1.99 22.27 2.91
C2 EDO F . -2.25 23.89 1.18
O2 EDO F . -0.86 24.24 1.06
C1 EDO G . -22.53 -13.22 -4.52
O1 EDO G . -23.80 -13.81 -4.80
C2 EDO G . -21.80 -14.17 -3.57
O2 EDO G . -21.50 -15.38 -4.27
C1 EDO H . -6.03 7.74 -13.74
O1 EDO H . -6.69 8.65 -12.90
C2 EDO H . -5.40 6.72 -12.82
O2 EDO H . -6.37 5.99 -12.11
C TRS I . -12.92 -18.71 -1.62
C1 TRS I . -13.68 -17.88 -2.67
C2 TRS I . -13.53 -18.68 -0.23
C3 TRS I . -11.49 -18.35 -1.56
N TRS I . -12.84 -20.11 -1.97
O1 TRS I . -12.93 -16.84 -3.28
O2 TRS I . -14.93 -19.03 -0.22
O3 TRS I . -10.90 -19.45 -0.90
#